data_9R9E
#
_entry.id   9R9E
#
_cell.length_a   154.403
_cell.length_b   154.403
_cell.length_c   127.330
_cell.angle_alpha   90.000
_cell.angle_beta   90.000
_cell.angle_gamma   90.000
#
_symmetry.space_group_name_H-M   'I 4 2 2'
#
loop_
_entity.id
_entity.type
_entity.pdbx_description
1 polymer Cholinesterase
2 branched alpha-L-fucopyranose-(1-6)-2-acetamido-2-deoxy-beta-D-glucopyranose
3 branched 2-acetamido-2-deoxy-beta-D-glucopyranose-(1-4)-[alpha-L-fucopyranose-(1-6)]2-acetamido-2-deoxy-beta-D-glucopyranose
4 non-polymer 2-acetamido-2-deoxy-beta-D-glucopyranose
5 non-polymer GLYCEROL
6 non-polymer ~{N}-(3-methoxypropyl)-~{N}-[[(3~{S})-1-prop-2-ynylpyrrolidin-3-yl]methyl]naphthalene-2-sulfonamide
7 non-polymer 'ACETATE ION'
8 non-polymer 'SULFATE ION'
9 non-polymer 'CHLORIDE ION'
10 water water
#
_entity_poly.entity_id   1
_entity_poly.type   'polypeptide(L)'
_entity_poly.pdbx_seq_one_letter_code
;EDDIIIATKNGKVRGMQLTVFGGTVTAFLGIPYAQPPLGRLRFKKPQSLTKWSDIWNATKYANSCCQNIDQSFPGFHGSE
MWNPNTDLSEDCLYLNVWIPAPKPKNATVLIWIYGGGFQTGTSSLHVYDGKFLARVERVIVVSMNYRVGALGFLALPGNP
EAPGNMGLFDQQLALQWVQKNIAAFGGNPKSVTLFGESAGAASVSLHLLSPGSHSLFTRAILQSGSFNAPWAVTSLYEAR
NRTLNLAKLTGCSRENETEIIKCLRNKDPQEILLNEAFVVPYGTPLSVNFGPTVDGDFLTDMPDILLELGQFKKTQILVG
VNKDEGTAFLVYGAPGFSKDNNSIITRKEFQEGLKIFFPGVSEFGKESILFHYTDWVDDQRPENYREALGDVVGDYNFIC
PALEFTKKFSEWGNNAFFYYFEHRSSKLPWPEWMGVMHGYEIEFVFGLPLERRDQYTKAEEILSRSIVKRWANFAKYGNP
QETQNQSTSWPVFKSTEQKYLTLNTESTRIMTKLRAQQCRFWTSFFPKV
;
_entity_poly.pdbx_strand_id   A
#
loop_
_chem_comp.id
_chem_comp.type
_chem_comp.name
_chem_comp.formula
A1JDO non-polymer ~{N}-(3-methoxypropyl)-~{N}-[[(3~{S})-1-prop-2-ynylpyrrolidin-3-yl]methyl]naphthalene-2-sulfonamide 'C22 H28 N2 O3 S'
ACT non-polymer 'ACETATE ION' 'C2 H3 O2 -1'
CL non-polymer 'CHLORIDE ION' 'Cl -1'
FUC L-saccharide, alpha linking alpha-L-fucopyranose 'C6 H12 O5'
GOL non-polymer GLYCEROL 'C3 H8 O3'
NAG D-saccharide, beta linking 2-acetamido-2-deoxy-beta-D-glucopyranose 'C8 H15 N O6'
SO4 non-polymer 'SULFATE ION' 'O4 S -2'
#
# COMPACT_ATOMS: atom_id res chain seq x y z
N ILE A 4 5.79 -14.69 -27.23
CA ILE A 4 5.69 -15.69 -26.18
C ILE A 4 7.04 -15.95 -25.52
N ILE A 5 8.15 -15.74 -26.23
CA ILE A 5 9.49 -15.86 -25.67
C ILE A 5 10.18 -14.50 -25.72
N ILE A 6 10.55 -13.98 -24.56
CA ILE A 6 11.29 -12.73 -24.44
C ILE A 6 12.69 -13.05 -23.89
N ALA A 7 13.70 -12.38 -24.44
CA ALA A 7 15.06 -12.52 -23.95
C ALA A 7 15.34 -11.41 -22.93
N THR A 8 15.52 -11.78 -21.66
CA THR A 8 15.91 -10.82 -20.64
C THR A 8 17.42 -10.92 -20.42
N LYS A 9 17.94 -10.06 -19.54
CA LYS A 9 19.38 -10.04 -19.32
C LYS A 9 19.86 -11.19 -18.44
N ASN A 10 18.95 -12.00 -17.90
CA ASN A 10 19.32 -13.16 -17.11
C ASN A 10 18.88 -14.48 -17.73
N GLY A 11 18.26 -14.46 -18.90
CA GLY A 11 17.81 -15.67 -19.54
C GLY A 11 16.50 -15.46 -20.27
N LYS A 12 16.03 -16.47 -20.99
CA LYS A 12 14.78 -16.35 -21.72
C LYS A 12 13.60 -16.72 -20.83
N VAL A 13 12.49 -16.00 -20.99
CA VAL A 13 11.27 -16.29 -20.27
C VAL A 13 10.13 -16.52 -21.24
N ARG A 14 9.30 -17.50 -20.94
CA ARG A 14 8.11 -17.83 -21.71
C ARG A 14 6.88 -17.30 -20.99
N GLY A 15 6.01 -16.60 -21.72
CA GLY A 15 4.76 -16.12 -21.18
C GLY A 15 3.58 -16.93 -21.67
N MET A 16 2.40 -16.33 -21.54
CA MET A 16 1.17 -17.00 -21.96
C MET A 16 0.16 -15.96 -22.45
N GLN A 17 -0.66 -16.37 -23.40
CA GLN A 17 -1.65 -15.48 -24.01
C GLN A 17 -2.94 -15.54 -23.22
N LEU A 18 -3.46 -14.38 -22.84
CA LEU A 18 -4.75 -14.24 -22.18
C LEU A 18 -5.71 -13.54 -23.11
N THR A 19 -6.94 -14.04 -23.17
CA THR A 19 -7.97 -13.39 -23.96
C THR A 19 -8.72 -12.44 -23.03
N VAL A 20 -8.73 -11.15 -23.39
CA VAL A 20 -9.29 -10.10 -22.53
C VAL A 20 -10.09 -9.16 -23.41
N PHE A 21 -11.40 -9.06 -23.16
CA PHE A 21 -12.28 -8.13 -23.86
C PHE A 21 -12.17 -8.28 -25.37
N GLY A 22 -12.16 -9.52 -25.84
CA GLY A 22 -12.04 -9.75 -27.27
C GLY A 22 -10.70 -9.37 -27.85
N GLY A 23 -9.69 -9.15 -27.02
CA GLY A 23 -8.34 -8.89 -27.47
C GLY A 23 -7.40 -9.88 -26.80
N THR A 24 -6.09 -9.59 -26.83
CA THR A 24 -5.09 -10.47 -26.27
C THR A 24 -4.12 -9.69 -25.40
N VAL A 25 -3.77 -10.25 -24.25
CA VAL A 25 -2.74 -9.73 -23.37
C VAL A 25 -1.71 -10.84 -23.14
N THR A 26 -0.42 -10.49 -23.17
CA THR A 26 0.62 -11.44 -22.81
C THR A 26 1.03 -11.24 -21.36
N ALA A 27 0.93 -12.31 -20.58
CA ALA A 27 1.26 -12.31 -19.16
C ALA A 27 2.49 -13.18 -18.95
N PHE A 28 3.48 -12.63 -18.24
CA PHE A 28 4.63 -13.36 -17.72
C PHE A 28 4.49 -13.31 -16.20
N LEU A 29 4.01 -14.41 -15.63
CA LEU A 29 3.74 -14.47 -14.20
C LEU A 29 4.89 -15.20 -13.50
N GLY A 30 5.44 -14.55 -12.48
CA GLY A 30 6.47 -15.19 -11.67
C GLY A 30 7.84 -15.26 -12.30
N ILE A 31 8.32 -14.14 -12.84
CA ILE A 31 9.73 -14.02 -13.22
C ILE A 31 10.56 -13.77 -11.96
N PRO A 32 11.64 -14.51 -11.72
CA PRO A 32 12.47 -14.21 -10.56
C PRO A 32 13.25 -12.93 -10.79
N TYR A 33 13.44 -12.17 -9.73
CA TYR A 33 14.22 -10.94 -9.84
C TYR A 33 15.31 -10.83 -8.78
N ALA A 34 15.55 -11.88 -7.99
CA ALA A 34 16.64 -11.87 -7.02
C ALA A 34 16.96 -13.30 -6.62
N GLN A 35 18.11 -13.48 -5.98
CA GLN A 35 18.37 -14.78 -5.37
C GLN A 35 17.36 -15.02 -4.26
N PRO A 36 16.80 -16.22 -4.15
CA PRO A 36 15.89 -16.52 -3.05
C PRO A 36 16.59 -16.25 -1.71
N PRO A 37 15.97 -15.45 -0.84
CA PRO A 37 16.67 -15.02 0.39
C PRO A 37 16.60 -16.07 1.48
N LEU A 38 17.34 -17.16 1.27
CA LEU A 38 17.19 -18.38 2.04
C LEU A 38 18.48 -18.69 2.79
N GLY A 39 18.35 -19.35 3.92
CA GLY A 39 19.53 -19.82 4.63
C GLY A 39 20.32 -18.64 5.17
N ARG A 40 21.60 -18.53 4.77
CA ARG A 40 22.40 -17.39 5.20
C ARG A 40 21.87 -16.06 4.66
N LEU A 41 21.04 -16.06 3.60
CA LEU A 41 20.52 -14.82 3.02
C LEU A 41 19.25 -14.32 3.71
N ARG A 42 18.61 -15.12 4.57
CA ARG A 42 17.50 -14.60 5.35
C ARG A 42 17.92 -13.38 6.14
N PHE A 43 17.10 -12.33 6.10
CA PHE A 43 17.25 -11.04 6.75
C PHE A 43 18.25 -10.12 6.01
N LYS A 44 18.97 -10.60 5.01
CA LYS A 44 19.87 -9.73 4.27
C LYS A 44 19.13 -9.02 3.14
N LYS A 45 19.76 -7.95 2.64
CA LYS A 45 19.32 -7.28 1.43
C LYS A 45 19.30 -8.28 0.28
N PRO A 46 18.40 -8.10 -0.69
CA PRO A 46 18.28 -9.08 -1.78
C PRO A 46 19.51 -9.06 -2.65
N GLN A 47 19.99 -10.25 -3.00
CA GLN A 47 21.17 -10.39 -3.84
C GLN A 47 20.78 -10.56 -5.29
N SER A 48 21.64 -10.07 -6.18
CA SER A 48 21.35 -10.10 -7.61
C SER A 48 21.33 -11.53 -8.13
N LEU A 49 20.61 -11.72 -9.23
CA LEU A 49 20.26 -13.06 -9.71
C LEU A 49 21.26 -13.57 -10.73
N THR A 50 21.49 -14.88 -10.69
CA THR A 50 22.46 -15.54 -11.55
C THR A 50 21.79 -16.01 -12.84
N LYS A 51 22.50 -15.85 -13.95
CA LYS A 51 21.94 -16.15 -15.27
C LYS A 51 21.52 -17.62 -15.37
N TRP A 52 20.36 -17.83 -15.99
CA TRP A 52 19.93 -19.16 -16.40
C TRP A 52 19.96 -19.25 -17.93
N SER A 53 20.16 -20.47 -18.43
CA SER A 53 20.29 -20.71 -19.86
C SER A 53 19.08 -21.38 -20.49
N ASP A 54 18.18 -21.93 -19.69
CA ASP A 54 16.96 -22.54 -20.18
C ASP A 54 15.92 -21.45 -20.43
N ILE A 55 14.68 -21.84 -20.64
CA ILE A 55 13.57 -20.90 -20.80
C ILE A 55 12.77 -20.95 -19.51
N TRP A 56 12.90 -19.91 -18.67
CA TRP A 56 12.03 -19.84 -17.51
C TRP A 56 10.58 -19.74 -17.94
N ASN A 57 9.75 -20.62 -17.40
CA ASN A 57 8.33 -20.66 -17.75
C ASN A 57 7.58 -19.76 -16.77
N ALA A 58 7.29 -18.53 -17.21
CA ALA A 58 6.60 -17.56 -16.36
C ALA A 58 5.09 -17.62 -16.61
N THR A 59 4.53 -18.78 -16.29
CA THR A 59 3.18 -19.11 -16.71
C THR A 59 2.22 -19.28 -15.55
N LYS A 60 2.65 -18.94 -14.33
CA LYS A 60 1.77 -18.99 -13.17
C LYS A 60 2.40 -18.17 -12.07
N TYR A 61 1.54 -17.56 -11.26
CA TYR A 61 2.00 -16.79 -10.11
C TYR A 61 2.95 -17.62 -9.26
N ALA A 62 3.93 -16.96 -8.68
CA ALA A 62 4.90 -17.64 -7.84
C ALA A 62 4.42 -17.67 -6.39
N ASN A 63 5.22 -18.30 -5.54
CA ASN A 63 5.00 -18.26 -4.09
C ASN A 63 4.83 -16.84 -3.56
N SER A 64 3.88 -16.67 -2.65
CA SER A 64 3.81 -15.46 -1.82
C SER A 64 4.82 -15.57 -0.68
N CYS A 65 5.26 -14.41 -0.18
CA CYS A 65 6.22 -14.42 0.93
C CYS A 65 5.55 -14.91 2.21
N CYS A 66 6.36 -15.51 3.09
CA CYS A 66 5.87 -15.96 4.37
C CYS A 66 5.16 -14.84 5.12
N GLN A 67 4.05 -15.17 5.77
CA GLN A 67 3.24 -14.14 6.42
C GLN A 67 2.13 -14.80 7.23
N ASN A 68 1.67 -14.07 8.24
CA ASN A 68 0.51 -14.49 9.01
C ASN A 68 -0.78 -14.18 8.24
N ILE A 69 -1.74 -15.06 8.37
CA ILE A 69 -2.98 -14.97 7.62
C ILE A 69 -4.06 -14.39 8.52
N ASP A 70 -4.89 -13.52 7.95
CA ASP A 70 -6.13 -13.11 8.60
C ASP A 70 -7.09 -14.31 8.76
N GLN A 71 -7.20 -14.86 9.98
CA GLN A 71 -8.13 -15.94 10.30
C GLN A 71 -9.35 -15.44 11.05
N SER A 72 -9.59 -14.13 11.04
CA SER A 72 -10.63 -13.56 11.88
C SER A 72 -12.04 -13.90 11.40
N PHE A 73 -12.23 -14.13 10.10
CA PHE A 73 -13.56 -14.42 9.53
C PHE A 73 -13.46 -15.56 8.53
N PRO A 74 -13.25 -16.78 9.01
CA PRO A 74 -13.11 -17.91 8.06
C PRO A 74 -14.33 -18.04 7.16
N GLY A 75 -14.06 -18.21 5.87
CA GLY A 75 -15.12 -18.44 4.89
C GLY A 75 -15.78 -17.17 4.39
N PHE A 76 -15.34 -16.02 4.86
CA PHE A 76 -15.94 -14.74 4.52
C PHE A 76 -15.09 -14.07 3.46
N HIS A 77 -15.70 -13.80 2.29
CA HIS A 77 -14.94 -13.26 1.17
C HIS A 77 -14.34 -11.90 1.47
N GLY A 78 -15.00 -11.10 2.32
CA GLY A 78 -14.51 -9.75 2.58
C GLY A 78 -13.12 -9.72 3.19
N SER A 79 -12.78 -10.73 3.98
CA SER A 79 -11.44 -10.82 4.53
C SER A 79 -10.56 -11.78 3.73
N GLU A 80 -11.11 -12.89 3.27
CA GLU A 80 -10.27 -13.88 2.62
C GLU A 80 -9.81 -13.47 1.22
N MET A 81 -10.46 -12.50 0.58
CA MET A 81 -9.95 -11.95 -0.68
C MET A 81 -8.59 -11.27 -0.53
N TRP A 82 -8.14 -10.98 0.69
CA TRP A 82 -6.83 -10.39 0.90
C TRP A 82 -5.76 -11.39 1.33
N ASN A 83 -6.16 -12.58 1.75
CA ASN A 83 -5.20 -13.61 2.12
C ASN A 83 -4.47 -14.12 0.88
N PRO A 84 -3.23 -14.61 1.05
CA PRO A 84 -2.46 -15.12 -0.09
C PRO A 84 -3.22 -16.21 -0.84
N ASN A 85 -3.03 -16.23 -2.16
CA ASN A 85 -3.67 -17.24 -2.99
C ASN A 85 -2.64 -18.10 -3.73
N THR A 86 -1.37 -18.07 -3.30
CA THR A 86 -0.36 -19.06 -3.67
C THR A 86 0.35 -19.53 -2.41
N ASP A 87 1.10 -20.64 -2.54
CA ASP A 87 1.92 -21.15 -1.45
C ASP A 87 2.76 -20.05 -0.84
N LEU A 88 2.85 -20.06 0.49
CA LEU A 88 3.81 -19.23 1.20
C LEU A 88 5.18 -19.89 1.13
N SER A 89 6.22 -19.08 0.98
CA SER A 89 7.57 -19.59 0.97
C SER A 89 8.50 -18.41 1.18
N GLU A 90 9.71 -18.71 1.67
CA GLU A 90 10.75 -17.69 1.68
C GLU A 90 11.27 -17.44 0.28
N ASP A 91 11.16 -18.44 -0.59
CA ASP A 91 11.47 -18.31 -2.01
C ASP A 91 10.27 -17.61 -2.67
N CYS A 92 10.26 -16.27 -2.57
CA CYS A 92 9.13 -15.47 -3.03
C CYS A 92 9.52 -14.20 -3.80
N LEU A 93 10.79 -13.97 -4.11
CA LEU A 93 11.19 -12.73 -4.79
C LEU A 93 11.01 -12.91 -6.29
N TYR A 94 9.76 -12.68 -6.74
CA TYR A 94 9.32 -12.85 -8.11
C TYR A 94 8.44 -11.67 -8.47
N LEU A 95 8.29 -11.42 -9.77
CA LEU A 95 7.47 -10.34 -10.28
C LEU A 95 6.66 -10.79 -11.49
N ASN A 96 5.69 -9.98 -11.88
CA ASN A 96 4.76 -10.26 -12.96
C ASN A 96 4.73 -9.10 -13.95
N VAL A 97 4.55 -9.42 -15.22
CA VAL A 97 4.49 -8.42 -16.29
C VAL A 97 3.29 -8.75 -17.19
N TRP A 98 2.45 -7.75 -17.42
CA TRP A 98 1.37 -7.85 -18.40
C TRP A 98 1.69 -6.87 -19.52
N ILE A 99 1.88 -7.37 -20.73
CA ILE A 99 2.14 -6.49 -21.86
C ILE A 99 0.97 -6.58 -22.84
N PRO A 100 0.55 -5.46 -23.44
CA PRO A 100 -0.49 -5.53 -24.47
C PRO A 100 -0.01 -6.40 -25.62
N ALA A 101 -0.96 -7.00 -26.33
CA ALA A 101 -0.68 -7.68 -27.58
C ALA A 101 -1.48 -7.00 -28.68
N PRO A 102 -0.87 -6.66 -29.82
CA PRO A 102 0.54 -6.86 -30.21
C PRO A 102 1.49 -6.11 -29.30
N LYS A 103 2.68 -6.69 -29.06
CA LYS A 103 3.76 -6.14 -28.25
C LYS A 103 3.88 -4.67 -28.57
N PRO A 104 3.80 -3.80 -27.57
CA PRO A 104 3.87 -2.36 -27.83
C PRO A 104 5.27 -1.95 -28.21
N LYS A 105 5.39 -0.70 -28.65
CA LYS A 105 6.67 -0.16 -29.10
C LYS A 105 7.44 0.48 -27.95
N ASN A 106 6.83 1.46 -27.27
CA ASN A 106 7.49 2.19 -26.19
C ASN A 106 6.47 2.51 -25.10
N ALA A 107 5.91 1.47 -24.50
CA ALA A 107 4.74 1.63 -23.63
C ALA A 107 5.15 2.19 -22.28
N THR A 108 4.30 3.06 -21.74
CA THR A 108 4.44 3.48 -20.35
C THR A 108 4.24 2.29 -19.42
N VAL A 109 4.99 2.26 -18.32
CA VAL A 109 5.01 1.12 -17.41
C VAL A 109 4.42 1.54 -16.06
N LEU A 110 3.49 0.74 -15.55
N LEU A 110 3.47 0.74 -15.57
CA LEU A 110 2.89 0.94 -14.23
CA LEU A 110 2.88 0.90 -14.23
C LEU A 110 3.32 -0.19 -13.31
C LEU A 110 3.40 -0.21 -13.33
N ILE A 111 3.98 0.16 -12.20
CA ILE A 111 4.50 -0.81 -11.24
C ILE A 111 3.64 -0.77 -9.98
N TRP A 112 2.95 -1.87 -9.69
CA TRP A 112 2.10 -1.97 -8.51
C TRP A 112 2.90 -2.46 -7.30
N ILE A 113 2.67 -1.81 -6.16
CA ILE A 113 3.23 -2.24 -4.87
C ILE A 113 2.06 -2.42 -3.91
N TYR A 114 1.78 -3.68 -3.54
CA TYR A 114 0.63 -3.95 -2.67
C TYR A 114 0.86 -3.47 -1.25
N GLY A 115 -0.25 -3.25 -0.54
CA GLY A 115 -0.23 -3.04 0.88
C GLY A 115 -0.53 -4.30 1.66
N GLY A 116 -0.91 -4.09 2.92
CA GLY A 116 -0.97 -5.17 3.89
C GLY A 116 -0.16 -4.88 5.15
N GLY A 117 0.00 -3.60 5.48
CA GLY A 117 0.61 -3.21 6.74
C GLY A 117 2.07 -3.58 6.89
N PHE A 118 2.75 -3.88 5.78
CA PHE A 118 4.12 -4.41 5.78
C PHE A 118 4.21 -5.77 6.45
N GLN A 119 3.09 -6.38 6.85
CA GLN A 119 3.12 -7.72 7.42
C GLN A 119 2.48 -8.76 6.53
N THR A 120 1.65 -8.35 5.56
CA THR A 120 0.89 -9.24 4.69
C THR A 120 0.92 -8.71 3.25
N GLY A 121 0.34 -9.48 2.34
CA GLY A 121 0.17 -9.03 0.98
C GLY A 121 0.84 -9.91 -0.05
N THR A 122 0.29 -9.88 -1.27
CA THR A 122 0.89 -10.62 -2.37
C THR A 122 0.40 -10.00 -3.66
N SER A 123 1.22 -10.12 -4.70
CA SER A 123 0.91 -9.52 -6.00
C SER A 123 -0.01 -10.39 -6.83
N SER A 124 -0.28 -11.62 -6.40
CA SER A 124 -1.13 -12.52 -7.16
C SER A 124 -2.63 -12.35 -6.84
N LEU A 125 -3.01 -11.44 -5.96
CA LEU A 125 -4.43 -11.27 -5.63
C LEU A 125 -5.23 -10.90 -6.87
N HIS A 126 -6.49 -11.36 -6.87
CA HIS A 126 -7.41 -11.11 -7.97
C HIS A 126 -7.58 -9.62 -8.25
N VAL A 127 -7.63 -8.80 -7.19
CA VAL A 127 -7.86 -7.36 -7.38
C VAL A 127 -6.62 -6.63 -7.85
N TYR A 128 -5.49 -7.33 -7.99
CA TYR A 128 -4.27 -6.75 -8.53
C TYR A 128 -3.96 -7.28 -9.93
N ASP A 129 -4.94 -7.88 -10.61
CA ASP A 129 -4.68 -8.48 -11.93
C ASP A 129 -4.49 -7.37 -12.97
N GLY A 130 -3.26 -7.23 -13.48
CA GLY A 130 -2.97 -6.16 -14.42
C GLY A 130 -3.38 -6.37 -15.86
N LYS A 131 -4.09 -7.45 -16.21
CA LYS A 131 -4.38 -7.71 -17.61
C LYS A 131 -5.42 -6.72 -18.17
N PHE A 132 -6.33 -6.22 -17.35
CA PHE A 132 -7.30 -5.27 -17.87
C PHE A 132 -6.61 -3.96 -18.27
N LEU A 133 -5.71 -3.46 -17.42
CA LEU A 133 -4.98 -2.23 -17.75
C LEU A 133 -4.13 -2.40 -19.00
N ALA A 134 -3.52 -3.56 -19.17
CA ALA A 134 -2.70 -3.77 -20.36
C ALA A 134 -3.59 -3.83 -21.60
N ARG A 135 -4.77 -4.43 -21.48
CA ARG A 135 -5.71 -4.52 -22.59
C ARG A 135 -6.32 -3.15 -22.94
N VAL A 136 -6.76 -2.41 -21.94
CA VAL A 136 -7.60 -1.24 -22.16
C VAL A 136 -6.76 0.00 -22.47
N GLU A 137 -5.71 0.25 -21.67
CA GLU A 137 -4.89 1.44 -21.83
C GLU A 137 -3.56 1.17 -22.55
N ARG A 138 -3.26 -0.09 -22.87
CA ARG A 138 -2.02 -0.43 -23.57
C ARG A 138 -0.77 0.01 -22.80
N VAL A 139 -0.83 -0.02 -21.48
CA VAL A 139 0.37 0.13 -20.67
C VAL A 139 0.88 -1.26 -20.34
N ILE A 140 2.14 -1.33 -19.93
CA ILE A 140 2.68 -2.52 -19.31
C ILE A 140 2.50 -2.41 -17.80
N VAL A 141 1.99 -3.46 -17.16
CA VAL A 141 1.78 -3.49 -15.72
C VAL A 141 2.76 -4.49 -15.12
N VAL A 142 3.58 -4.04 -14.18
CA VAL A 142 4.49 -4.89 -13.41
C VAL A 142 4.05 -4.90 -11.96
N SER A 143 4.20 -6.05 -11.29
CA SER A 143 3.99 -6.12 -9.85
C SER A 143 4.99 -7.12 -9.27
N MET A 144 5.39 -6.91 -8.02
CA MET A 144 6.39 -7.78 -7.44
C MET A 144 5.97 -8.24 -6.05
N ASN A 145 6.48 -9.40 -5.65
CA ASN A 145 6.42 -9.82 -4.25
C ASN A 145 7.65 -9.28 -3.52
N TYR A 146 7.45 -8.79 -2.31
CA TYR A 146 8.54 -8.32 -1.47
C TYR A 146 8.30 -8.83 -0.07
N ARG A 147 9.39 -9.01 0.68
CA ARG A 147 9.27 -9.63 2.00
C ARG A 147 8.55 -8.71 2.98
N VAL A 148 7.73 -9.30 3.84
CA VAL A 148 6.93 -8.58 4.82
C VAL A 148 7.23 -9.15 6.21
N GLY A 149 6.69 -8.49 7.22
CA GLY A 149 6.93 -8.91 8.59
C GLY A 149 8.40 -8.86 8.96
N ALA A 150 8.80 -9.74 9.89
CA ALA A 150 10.18 -9.73 10.37
C ALA A 150 11.14 -10.15 9.26
N LEU A 151 10.72 -11.07 8.41
CA LEU A 151 11.60 -11.52 7.33
C LEU A 151 11.90 -10.38 6.35
N GLY A 152 11.04 -9.37 6.27
CA GLY A 152 11.29 -8.22 5.43
C GLY A 152 11.83 -6.99 6.12
N PHE A 153 11.60 -6.85 7.43
CA PHE A 153 11.87 -5.57 8.09
C PHE A 153 12.51 -5.70 9.46
N LEU A 154 12.99 -6.89 9.86
CA LEU A 154 13.77 -7.00 11.08
C LEU A 154 14.95 -6.04 11.04
N ALA A 155 15.20 -5.33 12.15
CA ALA A 155 16.21 -4.28 12.16
C ALA A 155 17.13 -4.41 13.37
N LEU A 156 18.42 -4.56 13.09
CA LEU A 156 19.50 -4.24 14.03
C LEU A 156 20.30 -3.19 13.29
N PRO A 157 19.99 -1.91 13.47
CA PRO A 157 20.52 -0.88 12.56
C PRO A 157 22.03 -0.88 12.49
N GLY A 158 22.55 -0.66 11.28
CA GLY A 158 23.97 -0.73 11.00
C GLY A 158 24.53 -2.11 10.84
N ASN A 159 23.80 -3.13 11.28
CA ASN A 159 24.27 -4.50 11.21
C ASN A 159 23.79 -5.12 9.90
N PRO A 160 24.68 -5.46 8.97
CA PRO A 160 24.23 -5.94 7.65
C PRO A 160 23.60 -7.33 7.67
N GLU A 161 23.72 -8.09 8.76
CA GLU A 161 23.02 -9.36 8.86
C GLU A 161 21.52 -9.18 8.98
N ALA A 162 21.09 -8.02 9.43
CA ALA A 162 19.68 -7.68 9.59
C ALA A 162 19.60 -6.16 9.60
N PRO A 163 19.81 -5.51 8.46
CA PRO A 163 19.92 -4.03 8.48
C PRO A 163 18.58 -3.31 8.52
N GLY A 164 17.47 -4.00 8.24
CA GLY A 164 16.20 -3.33 8.10
C GLY A 164 15.88 -2.99 6.65
N ASN A 165 14.60 -2.74 6.40
CA ASN A 165 14.12 -2.25 5.11
C ASN A 165 14.35 -3.23 3.97
N MET A 166 14.61 -4.50 4.26
CA MET A 166 14.89 -5.47 3.19
C MET A 166 13.72 -5.56 2.21
N GLY A 167 12.47 -5.51 2.70
CA GLY A 167 11.34 -5.52 1.80
C GLY A 167 11.29 -4.31 0.89
N LEU A 168 11.75 -3.17 1.40
CA LEU A 168 11.90 -1.99 0.57
C LEU A 168 13.00 -2.18 -0.47
N PHE A 169 14.12 -2.80 -0.06
CA PHE A 169 15.16 -3.11 -1.05
C PHE A 169 14.71 -4.18 -2.04
N ASP A 170 13.78 -5.07 -1.64
CA ASP A 170 13.17 -5.99 -2.61
C ASP A 170 12.43 -5.21 -3.69
N GLN A 171 11.52 -4.33 -3.27
CA GLN A 171 10.85 -3.42 -4.19
C GLN A 171 11.86 -2.71 -5.09
N GLN A 172 13.00 -2.28 -4.53
CA GLN A 172 13.96 -1.49 -5.30
C GLN A 172 14.64 -2.35 -6.37
N LEU A 173 15.07 -3.55 -6.00
CA LEU A 173 15.72 -4.41 -6.97
C LEU A 173 14.79 -4.74 -8.13
N ALA A 174 13.49 -4.88 -7.84
CA ALA A 174 12.50 -5.08 -8.89
C ALA A 174 12.41 -3.86 -9.81
N LEU A 175 12.38 -2.65 -9.24
CA LEU A 175 12.41 -1.45 -10.08
C LEU A 175 13.65 -1.44 -10.96
N GLN A 176 14.80 -1.86 -10.41
CA GLN A 176 16.01 -1.99 -11.20
C GLN A 176 15.83 -2.99 -12.33
N TRP A 177 15.15 -4.11 -12.04
CA TRP A 177 14.89 -5.11 -13.06
C TRP A 177 14.09 -4.51 -14.22
N VAL A 178 13.10 -3.67 -13.90
CA VAL A 178 12.32 -3.03 -14.95
C VAL A 178 13.20 -2.07 -15.75
N GLN A 179 14.10 -1.36 -15.08
CA GLN A 179 14.99 -0.45 -15.81
C GLN A 179 15.84 -1.22 -16.82
N LYS A 180 16.36 -2.39 -16.43
CA LYS A 180 17.29 -3.10 -17.29
C LYS A 180 16.62 -4.02 -18.31
N ASN A 181 15.37 -4.45 -18.08
CA ASN A 181 14.77 -5.48 -18.90
C ASN A 181 13.49 -5.09 -19.60
N ILE A 182 12.81 -4.03 -19.17
CA ILE A 182 11.46 -3.84 -19.68
C ILE A 182 11.45 -3.39 -21.15
N ALA A 183 12.53 -2.79 -21.66
CA ALA A 183 12.57 -2.47 -23.09
C ALA A 183 12.41 -3.71 -23.94
N ALA A 184 12.93 -4.84 -23.46
CA ALA A 184 12.78 -6.10 -24.18
C ALA A 184 11.31 -6.53 -24.29
N PHE A 185 10.45 -6.01 -23.41
CA PHE A 185 9.02 -6.31 -23.41
C PHE A 185 8.19 -5.27 -24.15
N GLY A 186 8.84 -4.29 -24.77
CA GLY A 186 8.14 -3.20 -25.39
C GLY A 186 7.84 -2.02 -24.49
N GLY A 187 8.44 -1.97 -23.29
CA GLY A 187 8.18 -0.90 -22.35
C GLY A 187 9.23 0.20 -22.43
N ASN A 188 8.85 1.37 -21.96
CA ASN A 188 9.73 2.53 -21.92
C ASN A 188 10.30 2.69 -20.51
N PRO A 189 11.55 2.31 -20.25
CA PRO A 189 12.12 2.49 -18.90
C PRO A 189 12.14 3.95 -18.44
N LYS A 190 12.00 4.90 -19.36
CA LYS A 190 11.94 6.31 -19.03
C LYS A 190 10.54 6.80 -18.68
N SER A 191 9.53 5.91 -18.70
CA SER A 191 8.15 6.28 -18.39
C SER A 191 7.58 5.18 -17.48
N VAL A 192 7.99 5.24 -16.22
CA VAL A 192 7.63 4.24 -15.21
C VAL A 192 6.92 4.96 -14.07
N THR A 193 5.68 4.56 -13.78
CA THR A 193 4.92 5.13 -12.69
C THR A 193 4.72 4.07 -11.63
N LEU A 194 5.13 4.36 -10.40
CA LEU A 194 4.83 3.50 -9.27
C LEU A 194 3.43 3.82 -8.77
N PHE A 195 2.64 2.78 -8.49
CA PHE A 195 1.42 2.98 -7.72
C PHE A 195 1.24 1.87 -6.70
N GLY A 196 0.55 2.20 -5.61
CA GLY A 196 0.41 1.30 -4.50
C GLY A 196 -0.65 1.81 -3.57
N GLU A 197 -1.13 0.92 -2.71
CA GLU A 197 -2.21 1.24 -1.80
C GLU A 197 -1.80 0.88 -0.37
N SER A 198 -2.18 1.73 0.58
CA SER A 198 -1.92 1.52 2.01
C SER A 198 -0.42 1.41 2.24
N ALA A 199 0.11 0.30 2.78
CA ALA A 199 1.56 0.15 2.94
C ALA A 199 2.29 0.21 1.62
N GLY A 200 1.62 -0.20 0.53
CA GLY A 200 2.20 -0.02 -0.79
C GLY A 200 2.31 1.44 -1.15
N ALA A 201 1.31 2.24 -0.79
CA ALA A 201 1.40 3.67 -0.99
C ALA A 201 2.49 4.29 -0.12
N ALA A 202 2.56 3.91 1.17
CA ALA A 202 3.67 4.36 2.00
C ALA A 202 5.00 3.95 1.40
N SER A 203 5.08 2.73 0.84
CA SER A 203 6.27 2.30 0.13
C SER A 203 6.59 3.22 -1.04
N VAL A 204 5.57 3.57 -1.83
CA VAL A 204 5.77 4.47 -2.95
C VAL A 204 6.35 5.78 -2.47
N SER A 205 5.77 6.35 -1.40
CA SER A 205 6.26 7.64 -0.90
C SER A 205 7.70 7.56 -0.41
N LEU A 206 8.10 6.41 0.14
CA LEU A 206 9.46 6.24 0.61
C LEU A 206 10.45 6.13 -0.54
N HIS A 207 10.02 5.54 -1.66
CA HIS A 207 10.87 5.58 -2.85
C HIS A 207 11.07 7.01 -3.36
N LEU A 208 10.09 7.89 -3.17
CA LEU A 208 10.32 9.30 -3.48
C LEU A 208 11.42 9.90 -2.63
N LEU A 209 11.69 9.34 -1.44
CA LEU A 209 12.72 9.87 -0.57
C LEU A 209 14.06 9.15 -0.70
N SER A 210 14.08 7.96 -1.26
CA SER A 210 15.31 7.19 -1.26
C SER A 210 16.15 7.60 -2.46
N PRO A 211 17.44 7.92 -2.26
CA PRO A 211 18.27 8.33 -3.41
C PRO A 211 18.54 7.18 -4.36
N GLY A 212 18.59 5.95 -3.85
CA GLY A 212 18.78 4.80 -4.70
C GLY A 212 17.58 4.48 -5.59
N SER A 213 16.43 5.08 -5.33
CA SER A 213 15.27 4.90 -6.20
C SER A 213 15.04 6.05 -7.17
N HIS A 214 15.73 7.18 -6.97
N HIS A 214 15.76 7.16 -7.05
CA HIS A 214 15.48 8.38 -7.77
CA HIS A 214 15.36 8.38 -7.76
C HIS A 214 15.35 8.07 -9.25
C HIS A 214 15.45 8.23 -9.29
N SER A 215 16.34 7.39 -9.81
CA SER A 215 16.43 7.19 -11.24
C SER A 215 15.74 5.91 -11.73
N LEU A 216 14.94 5.26 -10.88
CA LEU A 216 14.25 4.02 -11.24
C LEU A 216 12.77 4.23 -11.52
N PHE A 217 12.26 5.45 -11.44
CA PHE A 217 10.87 5.69 -11.82
C PHE A 217 10.68 7.16 -12.15
N THR A 218 9.53 7.46 -12.73
CA THR A 218 9.18 8.80 -13.22
C THR A 218 8.21 9.52 -12.31
N ARG A 219 7.09 8.86 -11.98
CA ARG A 219 5.96 9.50 -11.33
C ARG A 219 5.42 8.54 -10.28
N ALA A 220 4.51 9.04 -9.44
CA ALA A 220 4.06 8.25 -8.31
C ALA A 220 2.58 8.50 -8.01
N ILE A 221 1.92 7.42 -7.61
CA ILE A 221 0.51 7.39 -7.24
C ILE A 221 0.39 6.75 -5.87
N LEU A 222 -0.26 7.44 -4.93
CA LEU A 222 -0.36 6.99 -3.54
C LEU A 222 -1.83 6.84 -3.16
N GLN A 223 -2.31 5.60 -3.10
CA GLN A 223 -3.69 5.35 -2.72
C GLN A 223 -3.77 4.98 -1.24
N SER A 224 -4.38 5.85 -0.43
CA SER A 224 -4.68 5.53 0.98
C SER A 224 -3.42 5.26 1.81
N GLY A 225 -2.41 6.11 1.66
CA GLY A 225 -1.20 5.90 2.44
C GLY A 225 -0.03 6.78 2.07
N SER A 226 0.92 6.96 3.00
CA SER A 226 2.06 7.85 2.88
C SER A 226 2.97 7.58 4.07
N PHE A 227 4.26 7.92 3.94
CA PHE A 227 5.19 7.51 5.00
C PHE A 227 4.94 8.23 6.32
N ASN A 228 4.33 9.41 6.31
CA ASN A 228 4.06 10.15 7.54
C ASN A 228 2.81 9.66 8.28
N ALA A 229 2.12 8.65 7.77
CA ALA A 229 1.07 8.02 8.56
C ALA A 229 1.66 7.43 9.84
N PRO A 230 0.91 7.43 10.94
CA PRO A 230 1.52 7.04 12.22
C PRO A 230 2.02 5.60 12.28
N TRP A 231 1.49 4.69 11.45
CA TRP A 231 1.91 3.29 11.45
C TRP A 231 3.08 2.99 10.51
N ALA A 232 3.57 3.97 9.74
CA ALA A 232 4.37 3.64 8.57
C ALA A 232 5.87 3.47 8.82
N VAL A 233 6.45 4.15 9.81
CA VAL A 233 7.89 4.10 10.04
C VAL A 233 8.13 3.80 11.51
N THR A 234 8.94 2.76 11.77
CA THR A 234 9.31 2.37 13.13
C THR A 234 10.56 3.12 13.55
N SER A 235 10.62 3.51 14.83
CA SER A 235 11.81 4.20 15.34
C SER A 235 12.93 3.19 15.60
N LEU A 236 14.17 3.71 15.66
CA LEU A 236 15.29 2.81 15.92
C LEU A 236 15.17 2.13 17.28
N TYR A 237 14.68 2.86 18.28
CA TYR A 237 14.49 2.27 19.61
C TYR A 237 13.43 1.17 19.58
N GLU A 238 12.27 1.47 19.00
CA GLU A 238 11.23 0.45 18.85
C GLU A 238 11.77 -0.74 18.05
N ALA A 239 12.43 -0.47 16.94
CA ALA A 239 12.87 -1.54 16.06
C ALA A 239 13.85 -2.47 16.78
N ARG A 240 14.74 -1.90 17.57
CA ARG A 240 15.69 -2.74 18.29
C ARG A 240 15.01 -3.46 19.45
N ASN A 241 14.15 -2.75 20.20
CA ASN A 241 13.43 -3.43 21.28
C ASN A 241 12.57 -4.58 20.76
N ARG A 242 12.07 -4.45 19.52
CA ARG A 242 11.24 -5.50 18.92
C ARG A 242 12.08 -6.65 18.42
N THR A 243 13.24 -6.35 17.83
CA THR A 243 14.16 -7.41 17.46
C THR A 243 14.57 -8.23 18.67
N LEU A 244 14.83 -7.56 19.80
CA LEU A 244 15.27 -8.28 20.99
C LEU A 244 14.13 -9.07 21.60
N ASN A 245 12.93 -8.51 21.62
CA ASN A 245 11.78 -9.23 22.13
C ASN A 245 11.51 -10.48 21.29
N LEU A 246 11.70 -10.38 19.96
CA LEU A 246 11.61 -11.58 19.13
C LEU A 246 12.69 -12.58 19.50
N ALA A 247 13.93 -12.11 19.71
CA ALA A 247 15.00 -13.01 20.13
C ALA A 247 14.63 -13.72 21.42
N LYS A 248 14.19 -12.98 22.43
CA LYS A 248 13.79 -13.62 23.67
C LYS A 248 12.69 -14.65 23.42
N LEU A 249 11.68 -14.28 22.63
CA LEU A 249 10.54 -15.17 22.40
C LEU A 249 10.92 -16.44 21.67
N THR A 250 12.03 -16.44 20.95
CA THR A 250 12.45 -17.61 20.20
C THR A 250 13.65 -18.31 20.82
N GLY A 251 14.07 -17.90 22.01
CA GLY A 251 15.25 -18.50 22.61
C GLY A 251 16.56 -18.07 21.98
N CYS A 252 16.57 -16.95 21.28
CA CYS A 252 17.72 -16.51 20.50
C CYS A 252 18.48 -15.39 21.16
N SER A 253 18.13 -15.03 22.39
CA SER A 253 18.85 -13.96 23.08
C SER A 253 20.33 -14.33 23.20
N ARG A 254 21.19 -13.44 22.73
CA ARG A 254 22.64 -13.57 22.84
C ARG A 254 23.20 -12.18 23.15
N GLU A 255 24.49 -12.15 23.52
CA GLU A 255 25.12 -10.84 23.65
C GLU A 255 25.70 -10.35 22.34
N ASN A 256 26.35 -11.22 21.57
CA ASN A 256 26.79 -10.88 20.22
C ASN A 256 25.57 -10.74 19.33
N GLU A 257 25.29 -9.51 18.86
CA GLU A 257 24.11 -9.28 18.03
C GLU A 257 24.14 -10.13 16.76
N THR A 258 25.31 -10.37 16.19
CA THR A 258 25.36 -11.23 15.01
C THR A 258 24.98 -12.66 15.36
N GLU A 259 25.34 -13.11 16.56
CA GLU A 259 24.90 -14.43 17.01
C GLU A 259 23.39 -14.49 17.19
N ILE A 260 22.77 -13.39 17.61
CA ILE A 260 21.31 -13.37 17.66
C ILE A 260 20.73 -13.65 16.28
N ILE A 261 21.26 -12.96 15.26
CA ILE A 261 20.71 -13.11 13.91
C ILE A 261 20.93 -14.52 13.40
N LYS A 262 22.14 -15.08 13.60
CA LYS A 262 22.39 -16.44 13.16
C LYS A 262 21.44 -17.40 13.85
N CYS A 263 21.20 -17.21 15.16
CA CYS A 263 20.22 -18.05 15.85
C CYS A 263 18.86 -17.97 15.17
N LEU A 264 18.39 -16.74 14.91
CA LEU A 264 17.12 -16.54 14.21
C LEU A 264 17.14 -17.14 12.81
N ARG A 265 18.32 -17.33 12.22
CA ARG A 265 18.39 -17.95 10.91
C ARG A 265 18.12 -19.45 10.93
N ASN A 266 18.20 -20.11 12.07
CA ASN A 266 17.89 -21.53 12.13
C ASN A 266 16.46 -21.81 12.56
N LYS A 267 15.68 -20.77 12.84
CA LYS A 267 14.28 -20.96 13.20
C LYS A 267 13.45 -21.22 11.95
N ASP A 268 12.44 -22.06 12.09
CA ASP A 268 11.46 -22.23 11.03
C ASP A 268 10.70 -20.92 10.83
N PRO A 269 10.37 -20.54 9.59
CA PRO A 269 9.54 -19.34 9.39
C PRO A 269 8.35 -19.28 10.31
N GLN A 270 7.73 -20.44 10.58
CA GLN A 270 6.53 -20.47 11.42
C GLN A 270 6.84 -20.05 12.85
N GLU A 271 7.99 -20.46 13.39
CA GLU A 271 8.40 -19.97 14.71
C GLU A 271 8.48 -18.45 14.73
N ILE A 272 9.11 -17.88 13.70
CA ILE A 272 9.25 -16.43 13.60
C ILE A 272 7.88 -15.77 13.48
N LEU A 273 7.03 -16.28 12.57
CA LEU A 273 5.71 -15.67 12.36
C LEU A 273 4.86 -15.68 13.62
N LEU A 274 4.90 -16.80 14.37
CA LEU A 274 4.06 -16.97 15.54
C LEU A 274 4.37 -15.95 16.62
N ASN A 275 5.62 -15.49 16.68
CA ASN A 275 6.05 -14.61 17.75
C ASN A 275 6.06 -13.14 17.34
N GLU A 276 5.78 -12.84 16.06
CA GLU A 276 5.77 -11.45 15.60
C GLU A 276 4.77 -10.62 16.38
N ALA A 277 3.60 -11.20 16.69
CA ALA A 277 2.53 -10.41 17.27
C ALA A 277 2.85 -9.93 18.68
N PHE A 278 3.85 -10.53 19.33
CA PHE A 278 4.11 -10.28 20.74
C PHE A 278 5.34 -9.41 21.01
N VAL A 279 6.00 -8.87 19.99
CA VAL A 279 7.17 -8.06 20.27
C VAL A 279 6.78 -6.68 20.81
N VAL A 280 5.51 -6.31 20.73
CA VAL A 280 5.01 -5.08 21.34
C VAL A 280 4.26 -5.46 22.61
N PRO A 281 4.24 -4.60 23.63
CA PRO A 281 3.52 -4.96 24.86
C PRO A 281 2.02 -4.76 24.71
N TYR A 282 1.64 -3.75 23.96
CA TYR A 282 0.24 -3.47 23.63
C TYR A 282 0.14 -3.24 22.13
N GLY A 283 -0.65 -4.07 21.46
CA GLY A 283 -0.90 -3.91 20.04
C GLY A 283 -2.24 -3.24 19.76
N THR A 284 -2.47 -2.99 18.47
CA THR A 284 -3.75 -2.48 17.99
C THR A 284 -4.06 -3.17 16.67
N PRO A 285 -5.28 -3.06 16.14
CA PRO A 285 -5.55 -3.58 14.78
C PRO A 285 -4.69 -2.93 13.71
N LEU A 286 -4.01 -1.82 14.01
CA LEU A 286 -3.14 -1.17 13.04
C LEU A 286 -1.66 -1.36 13.36
N SER A 287 -1.33 -2.31 14.24
CA SER A 287 0.07 -2.52 14.60
C SER A 287 0.89 -2.94 13.39
N VAL A 288 2.03 -2.30 13.23
CA VAL A 288 3.00 -2.66 12.22
C VAL A 288 4.26 -3.03 13.00
N ASN A 289 4.34 -4.31 13.39
CA ASN A 289 5.38 -4.72 14.33
C ASN A 289 6.77 -4.58 13.73
N PHE A 290 6.90 -4.94 12.46
CA PHE A 290 8.17 -4.86 11.73
C PHE A 290 7.90 -4.09 10.45
N GLY A 291 8.42 -2.86 10.38
CA GLY A 291 8.21 -2.02 9.22
C GLY A 291 9.44 -1.23 8.86
N PRO A 292 9.30 -0.27 7.95
CA PRO A 292 10.44 0.57 7.57
C PRO A 292 11.07 1.27 8.77
N THR A 293 12.39 1.38 8.74
CA THR A 293 13.14 2.14 9.74
C THR A 293 14.11 3.06 9.02
N VAL A 294 14.67 3.99 9.77
CA VAL A 294 15.77 4.82 9.25
C VAL A 294 17.05 4.02 9.38
N ASP A 295 17.42 3.33 8.30
CA ASP A 295 18.55 2.41 8.26
C ASP A 295 19.85 3.08 7.83
N GLY A 296 19.81 4.35 7.42
CA GLY A 296 20.99 4.98 6.86
C GLY A 296 21.41 4.47 5.50
N ASP A 297 20.50 3.84 4.76
CA ASP A 297 20.84 3.23 3.47
C ASP A 297 19.72 3.54 2.49
N PHE A 298 18.59 2.85 2.66
CA PHE A 298 17.40 3.21 1.92
C PHE A 298 16.86 4.55 2.38
N LEU A 299 16.92 4.80 3.68
CA LEU A 299 16.37 5.99 4.32
C LEU A 299 17.50 6.60 5.11
N THR A 300 17.95 7.79 4.68
CA THR A 300 19.15 8.40 5.25
C THR A 300 18.87 9.30 6.45
N ASP A 301 17.61 9.56 6.79
CA ASP A 301 17.24 10.48 7.84
C ASP A 301 15.75 10.26 8.10
N MET A 302 15.24 10.83 9.17
CA MET A 302 13.83 10.71 9.48
C MET A 302 12.98 11.31 8.36
N PRO A 303 12.09 10.53 7.75
CA PRO A 303 11.41 11.01 6.53
C PRO A 303 10.63 12.31 6.74
N ASP A 304 10.14 12.55 7.95
CA ASP A 304 9.46 13.82 8.22
C ASP A 304 10.40 15.00 7.99
N ILE A 305 11.67 14.87 8.37
CA ILE A 305 12.64 15.93 8.10
C ILE A 305 12.89 16.08 6.60
N LEU A 306 13.05 14.94 5.89
CA LEU A 306 13.28 14.99 4.45
C LEU A 306 12.11 15.66 3.72
N LEU A 307 10.88 15.28 4.06
CA LEU A 307 9.71 15.91 3.46
C LEU A 307 9.70 17.41 3.73
N GLU A 308 9.85 17.78 5.00
CA GLU A 308 9.73 19.18 5.37
C GLU A 308 10.77 20.04 4.67
N LEU A 309 11.97 19.49 4.42
CA LEU A 309 13.07 20.25 3.85
C LEU A 309 13.29 19.96 2.38
N GLY A 310 12.28 19.41 1.69
CA GLY A 310 12.31 19.31 0.25
C GLY A 310 13.31 18.31 -0.31
N GLN A 311 13.74 17.34 0.48
CA GLN A 311 14.71 16.35 0.03
C GLN A 311 13.98 15.11 -0.48
N PHE A 312 13.42 15.24 -1.67
CA PHE A 312 12.73 14.14 -2.32
C PHE A 312 12.73 14.37 -3.83
N LYS A 313 12.48 13.28 -4.56
CA LYS A 313 12.41 13.34 -6.02
C LYS A 313 11.35 14.34 -6.46
N LYS A 314 11.75 15.28 -7.31
CA LYS A 314 10.85 16.33 -7.79
C LYS A 314 10.09 15.80 -9.01
N THR A 315 8.79 15.61 -8.86
CA THR A 315 7.97 14.98 -9.89
C THR A 315 6.50 15.17 -9.51
N GLN A 316 5.59 14.69 -10.37
CA GLN A 316 4.15 14.79 -10.15
C GLN A 316 3.68 13.62 -9.29
N ILE A 317 2.67 13.87 -8.47
CA ILE A 317 2.07 12.82 -7.66
C ILE A 317 0.56 12.88 -7.76
N LEU A 318 -0.06 11.71 -7.67
CA LEU A 318 -1.50 11.54 -7.54
C LEU A 318 -1.71 10.85 -6.19
N VAL A 319 -2.45 11.50 -5.31
CA VAL A 319 -2.68 11.02 -3.95
C VAL A 319 -4.20 11.00 -3.71
N GLY A 320 -4.68 10.03 -2.95
CA GLY A 320 -6.08 10.07 -2.59
C GLY A 320 -6.42 9.14 -1.44
N VAL A 321 -7.68 9.23 -1.00
CA VAL A 321 -8.15 8.43 0.14
C VAL A 321 -9.60 8.07 -0.12
N ASN A 322 -10.09 7.09 0.65
CA ASN A 322 -11.45 6.62 0.61
C ASN A 322 -12.26 7.25 1.75
N LYS A 323 -13.57 7.37 1.55
CA LYS A 323 -14.39 8.13 2.47
C LYS A 323 -14.44 7.50 3.86
N ASP A 324 -14.30 6.17 3.95
CA ASP A 324 -14.42 5.46 5.22
C ASP A 324 -13.20 4.55 5.45
N GLU A 325 -12.00 5.14 5.39
CA GLU A 325 -10.76 4.40 5.61
C GLU A 325 -10.75 3.61 6.91
N GLY A 326 -11.35 4.16 7.97
CA GLY A 326 -11.17 3.60 9.29
C GLY A 326 -12.06 2.43 9.66
N THR A 327 -13.19 2.23 8.95
CA THR A 327 -14.19 1.28 9.46
C THR A 327 -13.67 -0.15 9.46
N ALA A 328 -12.84 -0.52 8.47
CA ALA A 328 -12.37 -1.90 8.36
C ALA A 328 -11.72 -2.38 9.65
N PHE A 329 -11.02 -1.48 10.35
CA PHE A 329 -10.25 -1.91 11.52
C PHE A 329 -11.09 -2.01 12.78
N LEU A 330 -12.30 -1.44 12.80
CA LEU A 330 -13.11 -1.48 14.01
C LEU A 330 -13.56 -2.91 14.34
N VAL A 331 -13.72 -3.78 13.34
CA VAL A 331 -14.23 -5.11 13.64
C VAL A 331 -13.07 -6.04 13.96
N TYR A 332 -11.87 -5.50 14.13
CA TYR A 332 -10.73 -6.29 14.58
C TYR A 332 -10.33 -5.97 16.02
N GLY A 333 -11.29 -5.58 16.86
CA GLY A 333 -10.96 -5.44 18.27
C GLY A 333 -11.77 -4.41 19.03
N ALA A 334 -12.35 -3.44 18.34
CA ALA A 334 -13.14 -2.44 19.02
C ALA A 334 -14.39 -3.08 19.62
N PRO A 335 -14.71 -2.81 20.89
CA PRO A 335 -15.86 -3.47 21.52
C PRO A 335 -17.16 -2.93 20.99
N GLY A 336 -18.13 -3.83 20.87
CA GLY A 336 -19.44 -3.47 20.36
C GLY A 336 -19.55 -3.54 18.86
N PHE A 337 -18.44 -3.67 18.15
CA PHE A 337 -18.46 -3.68 16.70
C PHE A 337 -18.58 -5.10 16.17
N SER A 338 -19.24 -5.23 15.02
CA SER A 338 -19.45 -6.52 14.39
C SER A 338 -19.84 -6.29 12.95
N LYS A 339 -19.24 -7.05 12.03
CA LYS A 339 -19.71 -6.98 10.66
C LYS A 339 -21.10 -7.56 10.49
N ASP A 340 -21.66 -8.24 11.51
CA ASP A 340 -22.93 -8.96 11.39
C ASP A 340 -24.09 -8.27 12.10
N ASN A 341 -23.91 -7.02 12.53
CA ASN A 341 -25.01 -6.17 12.98
C ASN A 341 -24.60 -4.73 12.70
N ASN A 342 -25.45 -3.78 13.06
CA ASN A 342 -25.18 -2.40 12.67
C ASN A 342 -24.24 -1.68 13.62
N SER A 343 -23.77 -2.32 14.68
CA SER A 343 -22.66 -1.83 15.51
C SER A 343 -22.96 -0.46 16.13
N ILE A 344 -24.22 -0.23 16.51
CA ILE A 344 -24.53 0.93 17.34
C ILE A 344 -23.82 0.79 18.68
N ILE A 345 -22.91 1.70 18.97
CA ILE A 345 -22.18 1.63 20.22
C ILE A 345 -22.55 2.82 21.08
N THR A 346 -22.29 2.69 22.38
CA THR A 346 -22.53 3.75 23.34
C THR A 346 -21.28 4.63 23.52
N ARG A 347 -21.47 5.71 24.28
CA ARG A 347 -20.34 6.55 24.66
C ARG A 347 -19.27 5.76 25.39
N LYS A 348 -19.68 4.82 26.25
CA LYS A 348 -18.71 4.05 27.01
C LYS A 348 -17.95 3.08 26.10
N GLU A 349 -18.64 2.50 25.12
CA GLU A 349 -17.95 1.66 24.13
C GLU A 349 -17.03 2.49 23.25
N PHE A 350 -17.44 3.70 22.87
CA PHE A 350 -16.54 4.59 22.15
C PHE A 350 -15.26 4.82 22.93
N GLN A 351 -15.38 5.16 24.23
CA GLN A 351 -14.22 5.42 25.06
C GLN A 351 -13.33 4.18 25.17
N GLU A 352 -13.95 3.00 25.30
CA GLU A 352 -13.19 1.77 25.26
C GLU A 352 -12.48 1.58 23.93
N GLY A 353 -13.13 2.00 22.84
CA GLY A 353 -12.51 1.87 21.53
C GLY A 353 -11.25 2.72 21.38
N LEU A 354 -11.24 3.90 22.00
CA LEU A 354 -10.03 4.73 21.95
C LEU A 354 -8.89 4.06 22.71
N LYS A 355 -9.19 3.39 23.83
CA LYS A 355 -8.15 2.63 24.53
C LYS A 355 -7.56 1.56 23.62
N ILE A 356 -8.41 0.93 22.80
CA ILE A 356 -7.95 -0.09 21.85
C ILE A 356 -7.03 0.52 20.82
N PHE A 357 -7.42 1.67 20.26
CA PHE A 357 -6.66 2.24 19.16
C PHE A 357 -5.56 3.17 19.61
N PHE A 358 -5.55 3.62 20.86
CA PHE A 358 -4.53 4.56 21.35
C PHE A 358 -4.03 4.10 22.71
N PRO A 359 -3.50 2.86 22.79
CA PRO A 359 -3.20 2.31 24.11
C PRO A 359 -2.10 3.06 24.84
N GLY A 360 -1.05 3.49 24.14
CA GLY A 360 0.03 4.17 24.83
C GLY A 360 -0.17 5.66 25.03
N VAL A 361 -1.40 6.15 24.85
CA VAL A 361 -1.69 7.59 24.86
C VAL A 361 -2.28 7.97 26.21
N SER A 362 -1.90 9.16 26.69
CA SER A 362 -2.35 9.61 27.99
C SER A 362 -3.88 9.75 28.02
N GLU A 363 -4.42 9.73 29.25
CA GLU A 363 -5.84 9.96 29.43
C GLU A 363 -6.27 11.28 28.80
N PHE A 364 -5.45 12.33 28.94
CA PHE A 364 -5.78 13.62 28.37
C PHE A 364 -5.79 13.56 26.85
N GLY A 365 -4.82 12.85 26.26
CA GLY A 365 -4.85 12.63 24.82
C GLY A 365 -6.14 11.98 24.36
N LYS A 366 -6.60 10.96 25.09
CA LYS A 366 -7.81 10.26 24.67
C LYS A 366 -9.05 11.13 24.87
N GLU A 367 -9.10 11.89 25.98
CA GLU A 367 -10.17 12.87 26.13
C GLU A 367 -10.15 13.90 25.01
N SER A 368 -8.98 14.23 24.49
CA SER A 368 -8.94 15.25 23.46
C SER A 368 -9.51 14.71 22.16
N ILE A 369 -9.30 13.43 21.85
CA ILE A 369 -9.98 12.84 20.70
C ILE A 369 -11.49 12.90 20.91
N LEU A 370 -11.95 12.45 22.09
CA LEU A 370 -13.38 12.44 22.37
C LEU A 370 -13.97 13.83 22.23
N PHE A 371 -13.31 14.84 22.78
CA PHE A 371 -13.83 16.19 22.74
C PHE A 371 -13.98 16.69 21.32
N HIS A 372 -12.99 16.43 20.46
CA HIS A 372 -13.01 16.92 19.09
CA HIS A 372 -13.08 16.98 19.13
C HIS A 372 -13.98 16.17 18.20
N TYR A 373 -14.33 14.93 18.55
CA TYR A 373 -15.18 14.12 17.68
C TYR A 373 -16.58 13.85 18.20
N THR A 374 -16.97 14.38 19.37
CA THR A 374 -18.29 14.04 19.90
C THR A 374 -19.15 15.28 20.17
N ASP A 375 -18.85 16.40 19.53
CA ASP A 375 -19.76 17.52 19.52
C ASP A 375 -20.73 17.33 18.35
N TRP A 376 -21.97 16.97 18.67
CA TRP A 376 -22.89 16.43 17.68
C TRP A 376 -23.75 17.50 17.02
N VAL A 377 -24.10 17.26 15.75
CA VAL A 377 -25.21 17.94 15.12
C VAL A 377 -26.55 17.46 15.65
N ASP A 378 -26.55 16.43 16.50
CA ASP A 378 -27.75 15.82 17.04
C ASP A 378 -27.40 14.80 18.13
N ASP A 379 -27.62 15.15 19.39
CA ASP A 379 -27.29 14.27 20.51
C ASP A 379 -27.99 12.93 20.44
N GLN A 380 -29.05 12.81 19.63
CA GLN A 380 -29.93 11.65 19.65
C GLN A 380 -29.76 10.71 18.46
N ARG A 381 -28.88 11.00 17.51
CA ARG A 381 -28.59 10.04 16.45
C ARG A 381 -27.89 8.83 17.04
N PRO A 382 -28.42 7.62 16.91
CA PRO A 382 -27.82 6.46 17.58
C PRO A 382 -26.54 5.93 16.94
N GLU A 383 -26.22 6.32 15.71
CA GLU A 383 -24.96 5.89 15.10
C GLU A 383 -23.83 6.87 15.37
N ASN A 384 -24.04 7.89 16.21
CA ASN A 384 -23.05 8.95 16.37
C ASN A 384 -21.68 8.39 16.76
N TYR A 385 -21.64 7.56 17.80
CA TYR A 385 -20.37 7.06 18.32
C TYR A 385 -19.75 6.02 17.39
N ARG A 386 -20.59 5.19 16.77
CA ARG A 386 -20.09 4.26 15.75
C ARG A 386 -19.36 5.00 14.64
N GLU A 387 -19.98 6.06 14.13
CA GLU A 387 -19.36 6.79 13.02
C GLU A 387 -18.19 7.62 13.49
N ALA A 388 -18.23 8.12 14.73
CA ALA A 388 -17.10 8.91 15.21
C ALA A 388 -15.85 8.06 15.31
N LEU A 389 -16.00 6.81 15.77
CA LEU A 389 -14.82 5.98 15.93
C LEU A 389 -14.21 5.61 14.60
N GLY A 390 -15.07 5.31 13.61
CA GLY A 390 -14.57 5.13 12.26
C GLY A 390 -13.78 6.33 11.77
N ASP A 391 -14.32 7.53 11.96
CA ASP A 391 -13.64 8.73 11.47
C ASP A 391 -12.35 9.01 12.22
N VAL A 392 -12.35 8.81 13.54
CA VAL A 392 -11.12 8.91 14.33
C VAL A 392 -10.02 8.05 13.70
N VAL A 393 -10.33 6.77 13.48
CA VAL A 393 -9.31 5.85 12.97
C VAL A 393 -8.91 6.23 11.54
N GLY A 394 -9.90 6.61 10.72
CA GLY A 394 -9.60 6.96 9.34
C GLY A 394 -8.80 8.25 9.22
N ASP A 395 -9.16 9.27 9.99
CA ASP A 395 -8.51 10.56 9.86
C ASP A 395 -7.08 10.49 10.38
N TYR A 396 -6.89 9.87 11.55
CA TYR A 396 -5.57 9.81 12.16
C TYR A 396 -4.60 8.98 11.34
N ASN A 397 -5.05 7.83 10.84
CA ASN A 397 -4.15 6.85 10.24
C ASN A 397 -3.95 7.02 8.75
N PHE A 398 -4.88 7.66 8.04
CA PHE A 398 -4.80 7.69 6.59
C PHE A 398 -5.06 9.06 5.99
N ILE A 399 -6.21 9.67 6.31
CA ILE A 399 -6.63 10.84 5.56
C ILE A 399 -5.74 12.04 5.88
N CYS A 400 -5.58 12.36 7.17
CA CYS A 400 -4.80 13.53 7.54
C CYS A 400 -3.33 13.38 7.18
N PRO A 401 -2.71 12.19 7.33
CA PRO A 401 -1.33 12.05 6.80
C PRO A 401 -1.24 12.20 5.30
N ALA A 402 -2.18 11.62 4.52
CA ALA A 402 -2.13 11.77 3.07
C ALA A 402 -2.26 13.23 2.67
N LEU A 403 -3.17 13.96 3.33
CA LEU A 403 -3.31 15.39 3.03
C LEU A 403 -2.06 16.16 3.42
N GLU A 404 -1.49 15.88 4.60
CA GLU A 404 -0.29 16.60 5.00
CA GLU A 404 -0.26 16.55 5.05
C GLU A 404 0.87 16.29 4.06
N PHE A 405 1.01 15.04 3.64
CA PHE A 405 2.03 14.69 2.65
C PHE A 405 1.86 15.53 1.39
N THR A 406 0.62 15.60 0.87
CA THR A 406 0.39 16.29 -0.40
C THR A 406 0.63 17.80 -0.29
N LYS A 407 0.28 18.42 0.85
CA LYS A 407 0.60 19.84 1.03
C LYS A 407 2.11 20.04 1.01
N LYS A 408 2.81 19.27 1.83
CA LYS A 408 4.25 19.45 2.00
C LYS A 408 4.98 19.19 0.70
N PHE A 409 4.57 18.16 -0.03
CA PHE A 409 5.22 17.82 -1.28
C PHE A 409 4.99 18.89 -2.33
N SER A 410 3.76 19.40 -2.42
CA SER A 410 3.44 20.38 -3.45
C SER A 410 4.09 21.73 -3.20
N GLU A 411 4.49 22.01 -1.95
CA GLU A 411 5.07 23.32 -1.66
C GLU A 411 6.44 23.51 -2.27
N TRP A 412 7.06 22.43 -2.76
CA TRP A 412 8.35 22.52 -3.41
C TRP A 412 8.23 22.58 -4.93
N GLY A 413 7.04 22.86 -5.45
CA GLY A 413 6.92 23.28 -6.83
C GLY A 413 6.25 22.30 -7.78
N ASN A 414 5.92 21.10 -7.33
CA ASN A 414 5.47 20.05 -8.23
C ASN A 414 3.96 19.94 -8.29
N ASN A 415 3.46 19.55 -9.45
CA ASN A 415 2.03 19.30 -9.61
C ASN A 415 1.62 18.07 -8.78
N ALA A 416 0.53 18.24 -8.04
CA ALA A 416 -0.01 17.18 -7.21
C ALA A 416 -1.51 17.19 -7.42
N PHE A 417 -2.10 16.01 -7.43
CA PHE A 417 -3.53 15.84 -7.67
C PHE A 417 -4.10 14.96 -6.56
N PHE A 418 -5.15 15.43 -5.90
CA PHE A 418 -5.76 14.72 -4.78
C PHE A 418 -7.18 14.33 -5.10
N TYR A 419 -7.54 13.07 -4.79
CA TYR A 419 -8.89 12.55 -4.99
C TYR A 419 -9.50 12.05 -3.67
N TYR A 420 -10.82 12.05 -3.64
CA TYR A 420 -11.60 11.54 -2.51
C TYR A 420 -12.60 10.54 -3.09
N PHE A 421 -12.30 9.26 -2.91
CA PHE A 421 -13.08 8.17 -3.48
C PHE A 421 -14.26 7.89 -2.57
N GLU A 422 -15.49 8.11 -3.05
CA GLU A 422 -16.64 7.97 -2.17
C GLU A 422 -17.71 7.07 -2.77
N HIS A 423 -17.31 6.06 -3.52
CA HIS A 423 -18.24 5.07 -4.06
C HIS A 423 -18.11 3.74 -3.34
N ARG A 424 -19.24 3.24 -2.83
CA ARG A 424 -19.26 1.92 -2.20
C ARG A 424 -19.62 0.86 -3.24
N SER A 425 -18.71 -0.09 -3.44
CA SER A 425 -18.91 -1.15 -4.42
C SER A 425 -20.24 -1.86 -4.17
N SER A 426 -21.01 -2.05 -5.25
CA SER A 426 -22.22 -2.84 -5.11
C SER A 426 -21.92 -4.29 -4.75
N LYS A 427 -20.73 -4.77 -5.03
CA LYS A 427 -20.34 -6.12 -4.66
C LYS A 427 -19.59 -6.19 -3.32
N LEU A 428 -19.62 -5.13 -2.53
CA LEU A 428 -18.85 -5.13 -1.29
C LEU A 428 -19.45 -6.13 -0.30
N PRO A 429 -18.69 -7.13 0.15
CA PRO A 429 -19.28 -8.16 1.03
C PRO A 429 -19.45 -7.72 2.48
N TRP A 430 -18.77 -6.66 2.90
CA TRP A 430 -18.89 -6.09 4.23
C TRP A 430 -20.20 -5.32 4.38
N PRO A 431 -20.68 -5.10 5.60
CA PRO A 431 -21.99 -4.48 5.77
C PRO A 431 -21.99 -2.99 5.43
N GLU A 432 -23.21 -2.46 5.33
CA GLU A 432 -23.44 -1.11 4.82
C GLU A 432 -22.85 -0.04 5.74
N TRP A 433 -22.92 -0.23 7.06
CA TRP A 433 -22.44 0.80 7.97
C TRP A 433 -20.94 1.07 7.81
N MET A 434 -20.19 0.15 7.19
CA MET A 434 -18.77 0.36 7.02
C MET A 434 -18.45 1.24 5.80
N GLY A 435 -19.42 1.52 4.94
CA GLY A 435 -19.22 2.55 3.92
C GLY A 435 -18.16 2.20 2.88
N VAL A 436 -17.39 3.22 2.49
CA VAL A 436 -16.44 3.15 1.37
C VAL A 436 -15.10 2.71 2.00
N MET A 437 -14.91 1.41 2.09
CA MET A 437 -13.87 0.89 2.96
C MET A 437 -12.49 1.06 2.37
N HIS A 438 -11.50 1.03 3.27
CA HIS A 438 -10.09 0.88 2.94
C HIS A 438 -9.86 -0.29 2.00
N GLY A 439 -9.23 0.00 0.86
CA GLY A 439 -8.83 -1.01 -0.09
C GLY A 439 -9.84 -1.29 -1.18
N TYR A 440 -11.02 -0.68 -1.13
CA TYR A 440 -12.06 -1.04 -2.09
C TYR A 440 -12.21 -0.02 -3.20
N GLU A 441 -11.21 0.84 -3.39
CA GLU A 441 -11.04 1.55 -4.64
C GLU A 441 -10.18 0.75 -5.62
N ILE A 442 -9.43 -0.23 -5.11
CA ILE A 442 -8.40 -0.89 -5.90
C ILE A 442 -9.00 -1.60 -7.10
N GLU A 443 -10.12 -2.31 -6.89
CA GLU A 443 -10.76 -3.00 -8.00
C GLU A 443 -11.24 -2.03 -9.09
N PHE A 444 -11.50 -0.77 -8.76
CA PHE A 444 -11.86 0.18 -9.79
C PHE A 444 -10.65 0.66 -10.56
N VAL A 445 -9.53 0.84 -9.86
CA VAL A 445 -8.28 1.24 -10.49
C VAL A 445 -7.81 0.17 -11.48
N PHE A 446 -7.95 -1.11 -11.11
CA PHE A 446 -7.46 -2.21 -11.95
C PHE A 446 -8.47 -2.63 -13.02
N GLY A 447 -9.65 -2.03 -13.02
CA GLY A 447 -10.56 -2.19 -14.13
C GLY A 447 -11.41 -3.43 -14.08
N LEU A 448 -11.55 -4.05 -12.91
CA LEU A 448 -12.43 -5.22 -12.79
C LEU A 448 -13.87 -4.92 -13.19
N PRO A 449 -14.47 -3.77 -12.89
CA PRO A 449 -15.83 -3.52 -13.33
C PRO A 449 -15.98 -3.37 -14.83
N LEU A 450 -14.87 -3.24 -15.57
CA LEU A 450 -14.98 -3.27 -17.02
C LEU A 450 -15.47 -4.61 -17.53
N GLU A 451 -15.30 -5.68 -16.75
CA GLU A 451 -15.83 -6.99 -17.13
C GLU A 451 -17.32 -7.06 -16.82
N ARG A 452 -18.14 -7.07 -17.87
CA ARG A 452 -19.59 -7.09 -17.71
C ARG A 452 -20.10 -8.38 -17.08
N ARG A 453 -19.40 -9.50 -17.29
CA ARG A 453 -19.79 -10.78 -16.71
C ARG A 453 -19.71 -10.81 -15.17
N ASP A 454 -19.31 -9.71 -14.50
CA ASP A 454 -18.87 -9.78 -13.12
C ASP A 454 -19.80 -9.04 -12.15
N GLN A 455 -21.05 -8.78 -12.54
CA GLN A 455 -22.11 -8.34 -11.64
C GLN A 455 -21.95 -6.91 -11.11
N TYR A 456 -20.99 -6.13 -11.62
CA TYR A 456 -20.99 -4.70 -11.32
C TYR A 456 -22.07 -3.99 -12.12
N THR A 457 -22.52 -2.85 -11.62
CA THR A 457 -23.53 -2.09 -12.33
C THR A 457 -22.91 -1.33 -13.52
N LYS A 458 -23.79 -0.76 -14.36
CA LYS A 458 -23.31 0.03 -15.49
C LYS A 458 -22.62 1.30 -15.02
N ALA A 459 -23.19 1.98 -14.03
CA ALA A 459 -22.54 3.17 -13.49
C ALA A 459 -21.17 2.85 -12.96
N GLU A 460 -20.97 1.63 -12.46
CA GLU A 460 -19.65 1.28 -11.94
C GLU A 460 -18.67 1.00 -13.07
N GLU A 461 -19.14 0.37 -14.15
CA GLU A 461 -18.31 0.25 -15.35
C GLU A 461 -17.83 1.62 -15.82
N ILE A 462 -18.75 2.59 -15.90
CA ILE A 462 -18.36 3.93 -16.36
C ILE A 462 -17.34 4.56 -15.40
N LEU A 463 -17.55 4.40 -14.09
CA LEU A 463 -16.63 4.99 -13.14
C LEU A 463 -15.25 4.34 -13.23
N SER A 464 -15.18 3.02 -13.33
CA SER A 464 -13.89 2.36 -13.48
C SER A 464 -13.20 2.80 -14.76
N ARG A 465 -13.98 2.95 -15.84
CA ARG A 465 -13.42 3.37 -17.12
C ARG A 465 -12.80 4.75 -17.04
N SER A 466 -13.46 5.69 -16.35
N SER A 466 -13.47 5.68 -16.35
CA SER A 466 -12.89 7.01 -16.21
CA SER A 466 -12.91 7.02 -16.19
C SER A 466 -11.68 7.00 -15.28
C SER A 466 -11.69 7.00 -15.28
N ILE A 467 -11.72 6.21 -14.20
CA ILE A 467 -10.59 6.12 -13.29
C ILE A 467 -9.36 5.52 -14.00
N VAL A 468 -9.57 4.43 -14.74
CA VAL A 468 -8.47 3.80 -15.45
C VAL A 468 -7.84 4.77 -16.42
N LYS A 469 -8.66 5.58 -17.10
CA LYS A 469 -8.14 6.55 -18.04
C LYS A 469 -7.37 7.67 -17.33
N ARG A 470 -7.91 8.19 -16.23
CA ARG A 470 -7.20 9.22 -15.49
C ARG A 470 -5.85 8.69 -14.96
N TRP A 471 -5.82 7.46 -14.45
CA TRP A 471 -4.56 6.89 -13.96
C TRP A 471 -3.58 6.69 -15.11
N ALA A 472 -4.07 6.24 -16.27
CA ALA A 472 -3.19 6.02 -17.41
C ALA A 472 -2.64 7.33 -17.92
N ASN A 473 -3.51 8.35 -18.04
CA ASN A 473 -3.06 9.67 -18.44
C ASN A 473 -2.10 10.28 -17.44
N PHE A 474 -2.28 10.02 -16.15
CA PHE A 474 -1.29 10.53 -15.20
C PHE A 474 0.05 9.85 -15.43
N ALA A 475 0.05 8.53 -15.62
CA ALA A 475 1.31 7.81 -15.85
C ALA A 475 2.01 8.24 -17.13
N LYS A 476 1.29 8.24 -18.26
CA LYS A 476 1.90 8.61 -19.54
C LYS A 476 2.27 10.09 -19.58
N TYR A 477 1.40 10.98 -19.09
CA TYR A 477 1.52 12.42 -19.38
C TYR A 477 1.63 13.31 -18.14
N GLY A 478 1.60 12.75 -16.93
CA GLY A 478 1.69 13.55 -15.73
C GLY A 478 0.45 14.35 -15.39
N ASN A 479 -0.68 14.01 -15.97
CA ASN A 479 -1.89 14.82 -15.86
C ASN A 479 -3.13 13.92 -15.90
N PRO A 480 -3.85 13.74 -14.77
CA PRO A 480 -4.90 12.72 -14.67
C PRO A 480 -6.26 13.20 -15.17
N GLN A 481 -6.30 13.74 -16.38
CA GLN A 481 -7.53 14.20 -16.97
C GLN A 481 -8.17 13.07 -17.78
N GLU A 482 -9.49 13.13 -17.91
CA GLU A 482 -10.23 12.38 -18.93
C GLU A 482 -10.72 13.45 -19.89
N THR A 483 -10.12 13.51 -21.09
CA THR A 483 -10.29 14.70 -21.91
C THR A 483 -11.40 14.58 -22.95
N GLN A 484 -11.97 13.40 -23.16
CA GLN A 484 -12.85 13.21 -24.31
C GLN A 484 -14.33 13.25 -23.97
N ASN A 485 -14.71 12.91 -22.74
CA ASN A 485 -16.11 12.70 -22.39
C ASN A 485 -16.63 13.83 -21.50
N GLN A 486 -16.26 15.07 -21.83
CA GLN A 486 -16.70 16.28 -21.12
C GLN A 486 -16.62 16.11 -19.61
N SER A 487 -15.51 15.55 -19.15
CA SER A 487 -15.38 15.23 -17.75
C SER A 487 -14.91 16.45 -16.96
N THR A 488 -15.16 16.41 -15.66
CA THR A 488 -14.62 17.42 -14.77
C THR A 488 -13.11 17.47 -14.92
N SER A 489 -12.57 18.66 -15.07
CA SER A 489 -11.13 18.81 -15.09
C SER A 489 -10.61 18.71 -13.66
N TRP A 490 -9.53 17.95 -13.48
CA TRP A 490 -8.97 17.70 -12.16
C TRP A 490 -7.91 18.77 -11.91
N PRO A 491 -8.14 19.73 -11.01
CA PRO A 491 -7.15 20.80 -10.80
C PRO A 491 -6.03 20.33 -9.90
N VAL A 492 -4.90 21.03 -9.98
CA VAL A 492 -3.79 20.68 -9.11
C VAL A 492 -4.13 21.06 -7.67
N PHE A 493 -3.60 20.29 -6.74
CA PHE A 493 -3.70 20.57 -5.32
C PHE A 493 -2.58 21.54 -4.93
N LYS A 494 -2.95 22.71 -4.43
CA LYS A 494 -1.99 23.71 -3.96
C LYS A 494 -2.17 23.89 -2.47
N SER A 495 -1.11 24.33 -1.78
CA SER A 495 -1.20 24.37 -0.31
C SER A 495 -2.17 25.44 0.15
N THR A 496 -2.36 26.49 -0.64
CA THR A 496 -3.34 27.51 -0.32
C THR A 496 -4.77 26.98 -0.45
N GLU A 497 -5.16 26.61 -1.66
CA GLU A 497 -6.57 26.32 -1.96
C GLU A 497 -6.95 24.87 -1.72
N GLN A 498 -6.01 23.94 -1.86
CA GLN A 498 -6.22 22.54 -1.48
C GLN A 498 -7.44 21.94 -2.19
N LYS A 499 -7.52 22.15 -3.50
CA LYS A 499 -8.61 21.56 -4.28
C LYS A 499 -8.41 20.06 -4.41
N TYR A 500 -9.53 19.32 -4.39
CA TYR A 500 -9.51 17.90 -4.66
C TYR A 500 -10.73 17.51 -5.48
N LEU A 501 -10.66 16.35 -6.09
CA LEU A 501 -11.70 15.82 -6.97
C LEU A 501 -12.39 14.63 -6.30
N THR A 502 -13.72 14.60 -6.30
CA THR A 502 -14.41 13.44 -5.78
C THR A 502 -14.65 12.43 -6.89
N LEU A 503 -14.55 11.15 -6.55
CA LEU A 503 -14.75 10.04 -7.45
C LEU A 503 -15.98 9.27 -6.99
N ASN A 504 -17.02 9.29 -7.82
CA ASN A 504 -18.28 8.61 -7.51
C ASN A 504 -19.00 8.32 -8.82
N THR A 505 -20.11 7.61 -8.74
CA THR A 505 -20.87 7.35 -9.95
C THR A 505 -21.81 8.48 -10.32
N GLU A 506 -22.31 9.23 -9.33
CA GLU A 506 -23.24 10.32 -9.61
C GLU A 506 -22.49 11.50 -10.21
N SER A 507 -22.13 12.49 -9.41
CA SER A 507 -21.51 13.73 -9.89
C SER A 507 -20.10 13.84 -9.36
N THR A 508 -19.15 13.99 -10.28
CA THR A 508 -17.73 14.19 -9.95
C THR A 508 -17.46 15.67 -9.70
N ARG A 509 -16.92 16.02 -8.52
CA ARG A 509 -16.90 17.41 -8.08
C ARG A 509 -15.53 17.88 -7.60
N ILE A 510 -15.26 19.16 -7.84
CA ILE A 510 -14.13 19.85 -7.26
C ILE A 510 -14.56 20.43 -5.91
N MET A 511 -13.87 20.03 -4.85
CA MET A 511 -14.06 20.61 -3.53
CA MET A 511 -14.04 20.53 -3.50
C MET A 511 -12.72 21.09 -2.98
N THR A 512 -12.78 21.73 -1.81
CA THR A 512 -11.61 22.33 -1.18
C THR A 512 -11.49 21.90 0.27
N LYS A 513 -10.24 21.70 0.71
CA LYS A 513 -9.87 21.62 2.13
C LYS A 513 -10.58 20.46 2.82
N LEU A 514 -10.30 19.25 2.32
CA LEU A 514 -10.87 18.04 2.90
C LEU A 514 -10.50 17.91 4.37
N ARG A 515 -11.50 17.66 5.22
CA ARG A 515 -11.31 17.41 6.66
C ARG A 515 -10.52 18.52 7.34
N ALA A 516 -10.74 19.76 6.92
CA ALA A 516 -9.96 20.87 7.45
C ALA A 516 -9.95 20.89 8.97
N GLN A 517 -11.13 20.81 9.59
CA GLN A 517 -11.20 20.87 11.05
C GLN A 517 -10.55 19.66 11.71
N GLN A 518 -10.73 18.48 11.10
CA GLN A 518 -10.21 17.27 11.72
C GLN A 518 -8.69 17.22 11.64
N CYS A 519 -8.14 17.55 10.47
CA CYS A 519 -6.70 17.44 10.29
C CYS A 519 -5.94 18.51 11.06
N ARG A 520 -6.54 19.67 11.34
CA ARG A 520 -5.84 20.60 12.22
C ARG A 520 -5.68 19.99 13.60
N PHE A 521 -6.66 19.21 14.05
CA PHE A 521 -6.52 18.49 15.31
C PHE A 521 -5.38 17.49 15.23
N TRP A 522 -5.42 16.59 14.24
CA TRP A 522 -4.44 15.52 14.18
C TRP A 522 -3.04 16.01 13.84
N THR A 523 -2.93 17.03 12.99
CA THR A 523 -1.64 17.44 12.48
C THR A 523 -0.94 18.44 13.39
N SER A 524 -1.69 19.24 14.13
CA SER A 524 -1.11 20.31 14.93
C SER A 524 -1.26 20.11 16.43
N PHE A 525 -2.38 19.57 16.90
CA PHE A 525 -2.55 19.36 18.34
C PHE A 525 -2.03 17.98 18.75
N PHE A 526 -2.66 16.91 18.24
CA PHE A 526 -2.40 15.57 18.75
C PHE A 526 -0.92 15.17 18.81
N PRO A 527 -0.04 15.55 17.87
CA PRO A 527 1.37 15.13 17.99
C PRO A 527 2.06 15.68 19.22
N LYS A 528 1.50 16.71 19.86
CA LYS A 528 2.08 17.22 21.08
C LYS A 528 1.80 16.32 22.28
N VAL A 529 0.72 15.55 22.25
CA VAL A 529 0.31 14.78 23.44
C VAL A 529 1.20 13.57 23.68
C1 NAG B . 8.53 -25.10 -19.94
C2 NAG B . 8.83 -26.52 -19.41
C3 NAG B . 9.19 -27.48 -20.54
C4 NAG B . 8.13 -27.44 -21.64
C5 NAG B . 7.91 -25.99 -22.08
C6 NAG B . 6.83 -25.90 -23.11
C7 NAG B . 9.78 -26.81 -17.15
C8 NAG B . 8.39 -27.19 -16.70
N2 NAG B . 9.90 -26.49 -18.45
O3 NAG B . 9.30 -28.76 -19.99
O4 NAG B . 8.58 -28.25 -22.71
O5 NAG B . 7.56 -25.18 -20.96
O6 NAG B . 5.59 -26.05 -22.46
O7 NAG B . 10.72 -26.77 -16.38
C1 FUC B . 4.62 -26.68 -23.34
C2 FUC B . 3.23 -26.55 -22.69
C3 FUC B . 2.73 -25.11 -22.74
C4 FUC B . 2.68 -24.65 -24.19
C5 FUC B . 4.07 -24.77 -24.80
C6 FUC B . 4.11 -24.46 -26.28
O2 FUC B . 3.28 -27.04 -21.37
O3 FUC B . 1.50 -25.07 -22.06
O4 FUC B . 1.70 -25.40 -24.88
O5 FUC B . 4.62 -26.08 -24.62
C1 NAG C . 11.22 5.62 -25.92
C2 NAG C . 12.34 5.65 -27.00
C3 NAG C . 13.52 6.51 -26.53
C4 NAG C . 13.07 7.91 -26.12
C5 NAG C . 11.97 7.78 -25.04
C6 NAG C . 11.38 9.09 -24.50
C7 NAG C . 12.18 3.45 -28.19
C8 NAG C . 12.94 2.17 -28.49
N2 NAG C . 12.84 4.35 -27.42
O3 NAG C . 14.49 6.53 -27.53
O4 NAG C . 14.24 8.62 -25.71
O5 NAG C . 10.92 6.97 -25.56
O6 NAG C . 10.37 8.92 -23.48
O7 NAG C . 11.04 3.61 -28.62
C1 FUC C . 9.70 10.21 -23.24
C2 FUC C . 8.38 10.03 -22.42
C3 FUC C . 8.61 9.69 -20.94
C4 FUC C . 9.63 10.64 -20.28
C5 FUC C . 10.88 10.79 -21.17
C6 FUC C . 11.86 11.84 -20.67
O2 FUC C . 7.52 9.12 -23.07
O3 FUC C . 7.35 9.68 -20.28
O4 FUC C . 9.01 11.87 -20.00
O5 FUC C . 10.54 11.11 -22.53
C1 NAG D . 10.56 -3.09 25.31
C2 NAG D . 9.28 -2.33 25.68
C3 NAG D . 8.90 -2.60 27.14
C4 NAG D . 8.73 -4.10 27.40
C5 NAG D . 9.98 -4.83 26.87
C6 NAG D . 9.93 -6.33 27.02
C7 NAG D . 8.46 -0.22 24.71
C8 NAG D . 8.77 1.26 24.56
N2 NAG D . 9.38 -0.92 25.42
O3 NAG D . 7.73 -1.89 27.42
O4 NAG D . 8.58 -4.25 28.80
O5 NAG D . 10.29 -4.46 25.53
O6 NAG D . 8.72 -6.83 26.51
O7 NAG D . 7.46 -0.71 24.21
C1 NAG D . 7.27 -4.62 29.27
C2 NAG D . 7.39 -5.30 30.65
C3 NAG D . 6.03 -5.62 31.26
C4 NAG D . 5.16 -4.36 31.29
C5 NAG D . 5.09 -3.82 29.85
C6 NAG D . 4.25 -2.58 29.69
C7 NAG D . 9.57 -6.41 30.90
C8 NAG D . 10.31 -7.72 30.81
N2 NAG D . 8.26 -6.46 30.61
O3 NAG D . 6.23 -6.14 32.55
O4 NAG D . 3.89 -4.69 31.85
O5 NAG D . 6.40 -3.52 29.37
O6 NAG D . 5.04 -1.55 29.11
O7 NAG D . 10.15 -5.38 31.23
C1 FUC D . 8.32 -8.06 27.17
C2 FUC D . 6.80 -8.24 26.94
C3 FUC D . 6.50 -8.53 25.47
C4 FUC D . 7.29 -9.73 24.98
C5 FUC D . 8.78 -9.51 25.28
C6 FUC D . 9.61 -10.72 24.93
O2 FUC D . 6.14 -7.10 27.41
O3 FUC D . 5.11 -8.73 25.35
O4 FUC D . 6.76 -10.88 25.59
O5 FUC D . 9.00 -9.19 26.64
C1 NAG E . -23.22 -6.70 17.55
C2 NAG E . -23.94 -6.33 18.86
C3 NAG E . -22.95 -6.22 20.01
C4 NAG E . -22.06 -7.45 20.09
C5 NAG E . -21.42 -7.68 18.71
C6 NAG E . -20.49 -8.88 18.63
C7 NAG E . -25.88 -4.91 18.25
C8 NAG E . -26.35 -3.48 18.14
N2 NAG E . -24.62 -5.07 18.68
O3 NAG E . -23.66 -6.02 21.20
O4 NAG E . -21.10 -7.18 21.09
O5 NAG E . -22.45 -7.85 17.74
O6 NAG E . -21.10 -9.94 19.34
O7 NAG E . -26.61 -5.84 17.96
C1 NAG E . -21.13 -8.18 22.13
C2 NAG E . -19.78 -8.07 22.86
C3 NAG E . -19.77 -8.84 24.19
C4 NAG E . -21.01 -8.51 25.01
C5 NAG E . -22.21 -8.86 24.12
C6 NAG E . -23.55 -8.84 24.81
C7 NAG E . -17.86 -7.70 21.40
C8 NAG E . -16.80 -8.32 20.53
N2 NAG E . -18.73 -8.53 22.00
O3 NAG E . -18.60 -8.53 24.89
O4 NAG E . -20.93 -9.25 26.21
O5 NAG E . -22.21 -7.97 23.01
O6 NAG E . -23.61 -9.93 25.70
O7 NAG E . -17.92 -6.49 21.55
C1 FUC E . -21.03 -11.20 18.63
C2 FUC E . -21.77 -12.22 19.51
C3 FUC E . -23.26 -11.97 19.45
C4 FUC E . -23.78 -12.01 18.01
C5 FUC E . -23.01 -10.93 17.23
C6 FUC E . -23.39 -10.82 15.76
O2 FUC E . -21.26 -12.12 20.82
O3 FUC E . -23.87 -12.92 20.31
O4 FUC E . -23.64 -13.31 17.46
O5 FUC E . -21.60 -11.17 17.34
C1 NAG F . -16.43 7.80 -23.13
C2 NAG F . -15.74 6.58 -22.50
C3 NAG F . -15.91 5.36 -23.42
C4 NAG F . -17.39 5.10 -23.69
C5 NAG F . -17.95 6.37 -24.33
C6 NAG F . -19.42 6.23 -24.69
C7 NAG F . -13.79 7.10 -21.03
C8 NAG F . -12.30 7.28 -21.07
N2 NAG F . -14.35 6.82 -22.22
O3 NAG F . -15.28 4.25 -22.83
O4 NAG F . -17.54 3.99 -24.54
O5 NAG F . -17.77 7.48 -23.45
O6 NAG F . -20.12 7.36 -24.27
O7 NAG F . -14.42 7.21 -19.97
C1 FUC F . -21.14 7.69 -25.25
C2 FUC F . -22.06 8.73 -24.60
C3 FUC F . -21.22 9.99 -24.39
C4 FUC F . -20.78 10.51 -25.77
C5 FUC F . -19.86 9.43 -26.35
C6 FUC F . -19.33 9.78 -27.73
O2 FUC F . -22.60 8.20 -23.41
O3 FUC F . -21.96 10.91 -23.63
O4 FUC F . -21.94 10.71 -26.55
O5 FUC F . -20.57 8.19 -26.43
C1 NAG G . 30.40 -11.63 17.05
C2 NAG G . 31.61 -10.74 17.36
C3 NAG G . 32.10 -10.19 16.03
C4 NAG G . 32.50 -11.36 15.13
C5 NAG G . 31.33 -12.34 15.00
C6 NAG G . 31.69 -13.57 14.19
C7 NAG G . 31.52 -9.78 19.65
C8 NAG G . 32.14 -11.06 20.19
N2 NAG G . 31.30 -9.72 18.32
O3 NAG G . 33.15 -9.30 16.30
O4 NAG G . 32.89 -10.85 13.87
O5 NAG G . 30.86 -12.73 16.28
O6 NAG G . 30.67 -14.53 14.28
O7 NAG G . 31.23 -8.86 20.42
C1 GOL H . -3.59 -13.30 -14.67
O1 GOL H . -3.89 -12.14 -15.41
C2 GOL H . -4.81 -14.21 -14.57
O2 GOL H . -5.91 -13.70 -15.31
C3 GOL H . -4.43 -15.60 -15.01
O3 GOL H . -3.71 -16.19 -13.94
C01 A1JDO I . -5.62 -7.12 13.27
C03 A1JDO I . -4.87 -9.11 12.22
C04 A1JDO I . -5.01 -8.70 10.74
C05 A1JDO I . -3.87 -7.81 10.28
C07 A1JDO I . -5.32 -5.88 9.59
C08 A1JDO I . -6.71 -6.14 8.96
C10 A1JDO I . -8.09 -4.98 7.33
C12 A1JDO I . -8.09 -6.43 5.91
C13 A1JDO I . -9.54 -6.16 5.48
C14 A1JDO I . -10.67 -5.92 5.18
C15 A1JDO I . -6.68 -6.73 7.78
C20 A1JDO I . -2.90 -3.58 7.74
C21 A1JDO I . -2.52 -2.26 8.03
C22 A1JDO I . -1.80 -1.99 9.16
C23 A1JDO I . -1.43 -0.64 9.45
C24 A1JDO I . -1.80 0.37 8.59
C26 A1JDO I . -2.92 -1.20 7.14
C27 A1JDO I . -1.42 -3.03 10.05
C28 A1JDO I . -1.79 -4.34 9.76
O02 A1JDO I . -4.54 -7.98 12.97
C09 A1JDO I . -7.34 -4.84 8.69
C19 A1JDO I . -2.53 -4.60 8.61
C25 A1JDO I . -2.53 0.10 7.43
N06 A1JDO I . -4.27 -6.83 9.25
N11 A1JDO I . -8.00 -6.20 7.08
O17 A1JDO I . -3.39 -6.40 6.79
O18 A1JDO I . -1.85 -7.17 8.28
S16 A1JDO I . -3.02 -6.30 8.20
C ACT J . -5.76 -4.33 2.72
O ACT J . -5.18 -5.18 3.45
OXT ACT J . -6.96 -4.00 2.78
CH3 ACT J . -4.87 -3.63 1.66
S SO4 K . 5.65 19.93 -12.71
O1 SO4 K . 4.88 19.64 -13.97
O2 SO4 K . 7.12 19.95 -13.00
O3 SO4 K . 5.26 21.28 -12.16
O4 SO4 K . 5.37 18.87 -11.67
S SO4 L . -17.59 13.49 -14.80
O1 SO4 L . -17.90 13.17 -16.22
O2 SO4 L . -16.12 13.75 -14.64
O3 SO4 L . -18.39 14.72 -14.41
O4 SO4 L . -18.00 12.33 -13.93
S SO4 M . 3.31 0.77 15.24
O1 SO4 M . 3.00 -0.69 15.36
O2 SO4 M . 4.79 1.03 15.28
O3 SO4 M . 2.74 1.22 13.93
O4 SO4 M . 2.62 1.50 16.37
S SO4 N . -17.63 12.88 4.60
O1 SO4 N . -17.43 12.25 3.26
O2 SO4 N . -17.04 11.99 5.66
O3 SO4 N . -16.95 14.24 4.59
O4 SO4 N . -19.09 13.02 4.84
S SO4 O . -17.59 10.70 30.70
O1 SO4 O . -18.43 9.78 29.86
O2 SO4 O . -16.83 9.90 31.73
O3 SO4 O . -16.61 11.42 29.82
O4 SO4 O . -18.47 11.72 31.38
CL CL P . -7.89 22.43 17.49
#